data_4BN9
#
_entry.id   4BN9
#
_cell.length_a   53.811
_cell.length_b   122.626
_cell.length_c   68.819
_cell.angle_alpha   90.00
_cell.angle_beta   90.00
_cell.angle_gamma   90.00
#
_symmetry.space_group_name_H-M   'C 2 2 21'
#
loop_
_entity.id
_entity.type
_entity.pdbx_description
1 polymer 'COPPER INDUCED NITROREDUCTASE D'
2 non-polymer 'NICOTINIC ACID'
3 non-polymer 'FLAVIN MONONUCLEOTIDE'
4 water water
#
_entity_poly.entity_id   1
_entity_poly.type   'polypeptide(L)'
_entity_poly.pdbx_seq_one_letter_code
;SFIKSLENRRTIYALGRNVQDEEKVIETIKEAVRFSPTAFNSQTGRLLILTGDAQDKLWDEIVAPELKAAMEAQGVPESA
WDNTRAKLDGFKAAFGTILFFEDQAVVKNLQEQFALYADNFPVWSEQGSGIISVNVWTALAELGLGANLQHYNPLIDEAV
AKEWNLPESWKLRGQLVFGSIEAPAGEKTFMDDADRFIVAK
;
_entity_poly.pdbx_strand_id   A
#
loop_
_chem_comp.id
_chem_comp.type
_chem_comp.name
_chem_comp.formula
FMN non-polymer 'FLAVIN MONONUCLEOTIDE' 'C17 H21 N4 O9 P'
NIO non-polymer 'NICOTINIC ACID' 'C6 H5 N O2'
#
# COMPACT_ATOMS: atom_id res chain seq x y z
N SER A 1 7.06 -16.52 -15.46
CA SER A 1 8.22 -15.64 -15.36
C SER A 1 7.89 -14.44 -14.50
N PHE A 2 8.93 -13.69 -14.14
CA PHE A 2 8.76 -12.47 -13.36
C PHE A 2 7.94 -11.44 -14.15
N ILE A 3 8.20 -11.32 -15.45
CA ILE A 3 7.46 -10.41 -16.30
C ILE A 3 5.97 -10.75 -16.27
N LYS A 4 5.65 -12.03 -16.39
CA LYS A 4 4.26 -12.48 -16.32
C LYS A 4 3.63 -12.07 -15.00
N SER A 5 4.38 -12.23 -13.91
CA SER A 5 3.90 -11.88 -12.58
C SER A 5 3.57 -10.39 -12.50
N LEU A 6 4.44 -9.56 -13.06
CA LEU A 6 4.20 -8.12 -13.09
C LEU A 6 2.93 -7.85 -13.86
N GLU A 7 2.76 -8.58 -14.96
CA GLU A 7 1.62 -8.38 -15.84
C GLU A 7 0.31 -8.79 -15.17
N ASN A 8 0.35 -9.81 -14.32
CA ASN A 8 -0.84 -10.29 -13.63
CA ASN A 8 -0.84 -10.29 -13.63
C ASN A 8 -1.34 -9.33 -12.57
N ARG A 9 -0.47 -8.44 -12.10
CA ARG A 9 -0.87 -7.44 -11.11
C ARG A 9 -1.64 -6.33 -11.78
N ARG A 10 -2.87 -6.08 -11.31
CA ARG A 10 -3.71 -5.03 -11.87
C ARG A 10 -4.53 -4.37 -10.77
N THR A 11 -5.11 -3.22 -11.09
CA THR A 11 -6.01 -2.53 -10.16
C THR A 11 -7.38 -3.18 -10.21
N ILE A 12 -7.79 -3.78 -9.09
CA ILE A 12 -9.09 -4.44 -8.99
C ILE A 12 -9.95 -3.73 -7.96
N TYR A 13 -11.05 -3.13 -8.41
CA TYR A 13 -11.94 -2.38 -7.53
C TYR A 13 -13.05 -3.27 -6.94
N ALA A 14 -13.45 -4.29 -7.68
CA ALA A 14 -14.49 -5.20 -7.20
C ALA A 14 -13.85 -6.31 -6.38
N LEU A 15 -13.84 -6.14 -5.06
CA LEU A 15 -13.19 -7.07 -4.17
C LEU A 15 -14.17 -7.71 -3.19
N GLY A 16 -13.88 -8.95 -2.79
CA GLY A 16 -14.71 -9.66 -1.85
C GLY A 16 -13.87 -10.28 -0.74
N ARG A 17 -14.48 -11.20 0.00
CA ARG A 17 -13.84 -11.79 1.17
C ARG A 17 -13.63 -13.29 1.02
N ASN A 18 -13.67 -13.76 -0.22
CA ASN A 18 -13.45 -15.15 -0.54
C ASN A 18 -11.95 -15.47 -0.49
N VAL A 19 -11.38 -15.35 0.70
CA VAL A 19 -9.96 -15.59 0.93
C VAL A 19 -9.81 -16.90 1.72
N GLN A 20 -8.99 -17.80 1.21
CA GLN A 20 -8.95 -19.17 1.72
C GLN A 20 -7.98 -19.39 2.89
N ASP A 21 -6.89 -18.63 2.91
CA ASP A 21 -5.83 -18.86 3.88
C ASP A 21 -5.22 -17.54 4.36
N GLU A 22 -5.81 -16.97 5.41
CA GLU A 22 -5.40 -15.66 5.92
C GLU A 22 -3.93 -15.65 6.30
N GLU A 23 -3.48 -16.68 6.99
CA GLU A 23 -2.11 -16.73 7.48
C GLU A 23 -1.11 -16.75 6.32
N LYS A 24 -1.37 -17.56 5.31
CA LYS A 24 -0.52 -17.60 4.12
C LYS A 24 -0.44 -16.22 3.48
N VAL A 25 -1.57 -15.53 3.44
CA VAL A 25 -1.61 -14.19 2.86
C VAL A 25 -0.73 -13.24 3.69
N ILE A 26 -0.89 -13.28 5.01
CA ILE A 26 -0.11 -12.44 5.90
C ILE A 26 1.39 -12.69 5.73
N GLU A 27 1.77 -13.96 5.66
CA GLU A 27 3.17 -14.32 5.52
CA GLU A 27 3.17 -14.34 5.51
C GLU A 27 3.72 -13.81 4.20
N THR A 28 2.91 -13.89 3.15
CA THR A 28 3.32 -13.42 1.82
C THR A 28 3.57 -11.91 1.85
N ILE A 29 2.68 -11.18 2.50
CA ILE A 29 2.83 -9.73 2.63
C ILE A 29 4.14 -9.38 3.32
N LYS A 30 4.43 -10.04 4.45
CA LYS A 30 5.67 -9.78 5.18
C LYS A 30 6.88 -10.04 4.29
N GLU A 31 6.86 -11.16 3.57
CA GLU A 31 8.01 -11.56 2.75
C GLU A 31 8.27 -10.55 1.65
N ALA A 32 7.22 -10.13 0.96
CA ALA A 32 7.35 -9.15 -0.11
C ALA A 32 8.08 -7.91 0.38
N VAL A 33 7.76 -7.49 1.61
CA VAL A 33 8.40 -6.31 2.20
C VAL A 33 9.84 -6.64 2.61
N ARG A 34 10.01 -7.82 3.19
CA ARG A 34 11.30 -8.24 3.72
C ARG A 34 12.38 -8.25 2.63
N PHE A 35 12.00 -8.73 1.45
CA PHE A 35 12.93 -8.91 0.35
C PHE A 35 12.94 -7.73 -0.62
N SER A 36 12.42 -6.59 -0.17
CA SER A 36 12.46 -5.36 -0.94
C SER A 36 13.68 -4.54 -0.53
N PRO A 37 14.37 -3.95 -1.52
CA PRO A 37 15.57 -3.16 -1.20
C PRO A 37 15.24 -1.76 -0.70
N THR A 38 16.08 -1.24 0.18
CA THR A 38 15.95 0.13 0.66
C THR A 38 17.34 0.76 0.79
N ALA A 39 17.41 2.07 0.59
CA ALA A 39 18.66 2.81 0.74
C ALA A 39 19.32 2.45 2.07
N PHE A 40 20.59 2.08 2.02
CA PHE A 40 21.37 1.74 3.21
C PHE A 40 20.79 0.57 3.98
N ASN A 41 19.92 -0.20 3.35
CA ASN A 41 19.21 -1.28 4.03
C ASN A 41 18.50 -0.75 5.26
N SER A 42 18.00 0.48 5.16
CA SER A 42 17.39 1.19 6.28
C SER A 42 16.02 0.63 6.65
N GLN A 43 15.39 -0.07 5.71
CA GLN A 43 14.12 -0.75 5.99
C GLN A 43 13.14 0.18 6.70
N THR A 44 12.78 1.27 6.04
CA THR A 44 11.99 2.31 6.69
C THR A 44 10.48 2.07 6.62
N GLY A 45 10.06 1.08 5.85
CA GLY A 45 8.64 0.78 5.71
C GLY A 45 8.03 0.14 6.95
N ARG A 46 6.78 0.49 7.23
CA ARG A 46 6.02 -0.10 8.33
C ARG A 46 4.60 -0.41 7.84
N LEU A 47 4.04 -1.52 8.28
CA LEU A 47 2.70 -1.92 7.83
C LEU A 47 1.72 -2.12 8.98
N LEU A 48 0.49 -1.65 8.79
CA LEU A 48 -0.63 -2.04 9.61
C LEU A 48 -1.59 -2.84 8.72
N ILE A 49 -1.80 -4.11 9.07
CA ILE A 49 -2.60 -5.00 8.25
C ILE A 49 -3.94 -5.26 8.93
N LEU A 50 -5.02 -4.78 8.31
CA LEU A 50 -6.35 -4.86 8.92
C LEU A 50 -7.25 -5.83 8.17
N THR A 51 -7.89 -6.73 8.92
CA THR A 51 -8.89 -7.63 8.38
C THR A 51 -10.07 -7.71 9.35
N GLY A 52 -11.17 -8.31 8.91
CA GLY A 52 -12.33 -8.51 9.76
C GLY A 52 -12.83 -7.24 10.42
N ASP A 53 -12.94 -7.26 11.74
CA ASP A 53 -13.50 -6.13 12.49
C ASP A 53 -12.76 -4.84 12.23
N ALA A 54 -11.43 -4.91 12.23
CA ALA A 54 -10.61 -3.72 12.03
C ALA A 54 -10.82 -3.15 10.63
N GLN A 55 -10.98 -4.04 9.64
CA GLN A 55 -11.29 -3.61 8.28
C GLN A 55 -12.56 -2.77 8.27
N ASP A 56 -13.64 -3.30 8.84
CA ASP A 56 -14.90 -2.58 8.90
C ASP A 56 -14.74 -1.25 9.65
N LYS A 57 -13.96 -1.28 10.73
CA LYS A 57 -13.80 -0.10 11.57
C LYS A 57 -13.10 1.03 10.81
N LEU A 58 -12.05 0.69 10.07
CA LEU A 58 -11.31 1.69 9.31
C LEU A 58 -12.22 2.48 8.39
N TRP A 59 -13.06 1.78 7.63
CA TRP A 59 -13.86 2.42 6.59
C TRP A 59 -15.17 3.00 7.11
N ASP A 60 -15.79 2.33 8.07
CA ASP A 60 -17.06 2.80 8.62
C ASP A 60 -16.87 3.89 9.67
N GLU A 61 -15.89 3.73 10.54
CA GLU A 61 -15.73 4.61 11.69
C GLU A 61 -14.68 5.71 11.51
N ILE A 62 -13.77 5.54 10.54
CA ILE A 62 -12.68 6.50 10.38
C ILE A 62 -12.73 7.23 9.03
N VAL A 63 -12.53 6.50 7.95
CA VAL A 63 -12.50 7.11 6.62
C VAL A 63 -13.81 7.84 6.32
N ALA A 64 -14.93 7.13 6.39
CA ALA A 64 -16.22 7.70 5.99
C ALA A 64 -16.56 8.99 6.75
N PRO A 65 -16.58 8.94 8.09
CA PRO A 65 -16.94 10.15 8.83
C PRO A 65 -16.02 11.33 8.54
N GLU A 66 -14.71 11.11 8.56
CA GLU A 66 -13.75 12.17 8.33
C GLU A 66 -13.85 12.71 6.91
N LEU A 67 -14.33 11.87 6.00
CA LEU A 67 -14.53 12.27 4.62
C LEU A 67 -15.78 13.16 4.54
N LYS A 68 -16.87 12.67 5.12
CA LYS A 68 -18.13 13.43 5.13
C LYS A 68 -18.02 14.68 6.00
N ALA A 69 -17.40 14.53 7.17
CA ALA A 69 -17.22 15.65 8.08
C ALA A 69 -16.16 16.63 7.55
N ALA A 70 -15.67 16.38 6.34
CA ALA A 70 -14.75 17.29 5.68
C ALA A 70 -15.43 17.98 4.51
N MET A 71 -16.08 17.20 3.65
CA MET A 71 -16.80 17.73 2.50
C MET A 71 -17.66 18.92 2.91
N GLU A 72 -18.32 18.80 4.06
CA GLU A 72 -19.16 19.86 4.59
C GLU A 72 -18.47 21.21 4.43
N ALA A 73 -17.22 21.29 4.87
CA ALA A 73 -16.44 22.51 4.76
C ALA A 73 -15.83 22.64 3.37
N THR A 84 -18.04 9.48 -2.52
CA THR A 84 -18.10 8.83 -1.22
C THR A 84 -18.56 7.36 -1.38
N ARG A 85 -19.80 7.08 -0.99
CA ARG A 85 -20.38 5.77 -1.24
C ARG A 85 -20.98 5.77 -2.64
N ALA A 86 -21.07 4.61 -3.29
CA ALA A 86 -20.72 3.33 -2.70
C ALA A 86 -19.26 2.94 -3.01
N LYS A 87 -18.42 3.95 -3.17
CA LYS A 87 -16.98 3.73 -3.34
C LYS A 87 -16.45 3.15 -2.03
N LEU A 88 -16.79 3.82 -0.93
CA LEU A 88 -16.37 3.38 0.39
C LEU A 88 -16.94 2.00 0.70
N ASP A 89 -18.17 1.76 0.24
CA ASP A 89 -18.80 0.45 0.41
C ASP A 89 -17.98 -0.61 -0.31
N GLY A 90 -17.39 -0.26 -1.44
CA GLY A 90 -16.57 -1.19 -2.20
C GLY A 90 -15.26 -1.50 -1.51
N PHE A 91 -14.71 -0.51 -0.81
CA PHE A 91 -13.49 -0.72 -0.05
C PHE A 91 -13.78 -1.59 1.17
N LYS A 92 -14.80 -1.23 1.93
CA LYS A 92 -15.16 -1.99 3.12
C LYS A 92 -15.44 -3.46 2.78
N ALA A 93 -16.09 -3.68 1.65
CA ALA A 93 -16.48 -5.03 1.23
C ALA A 93 -15.28 -5.95 0.98
N ALA A 94 -14.10 -5.36 0.81
CA ALA A 94 -12.88 -6.16 0.57
C ALA A 94 -12.51 -6.93 1.85
N PHE A 95 -11.54 -7.83 1.74
CA PHE A 95 -11.15 -8.66 2.88
C PHE A 95 -10.33 -7.88 3.89
N GLY A 96 -9.51 -6.95 3.42
CA GLY A 96 -8.66 -6.18 4.30
C GLY A 96 -8.02 -4.97 3.66
N THR A 97 -7.29 -4.22 4.47
CA THR A 97 -6.54 -3.07 3.99
C THR A 97 -5.15 -3.09 4.61
N ILE A 98 -4.15 -2.87 3.78
CA ILE A 98 -2.77 -2.80 4.24
C ILE A 98 -2.32 -1.35 4.19
N LEU A 99 -2.09 -0.76 5.36
CA LEU A 99 -1.66 0.63 5.45
C LEU A 99 -0.14 0.71 5.48
N PHE A 100 0.44 1.40 4.50
CA PHE A 100 1.88 1.54 4.38
C PHE A 100 2.37 2.85 4.98
N PHE A 101 3.32 2.77 5.90
CA PHE A 101 3.93 3.95 6.51
C PHE A 101 5.43 3.96 6.27
N GLU A 102 6.05 5.13 6.45
CA GLU A 102 7.50 5.25 6.42
C GLU A 102 7.98 5.85 7.74
N ASP A 103 8.90 5.16 8.40
CA ASP A 103 9.36 5.55 9.73
C ASP A 103 10.27 6.77 9.67
N GLN A 104 9.71 7.94 9.99
CA GLN A 104 10.45 9.20 9.91
C GLN A 104 11.62 9.25 10.91
N ALA A 105 11.51 8.49 11.99
CA ALA A 105 12.55 8.49 13.02
C ALA A 105 13.86 7.97 12.44
N VAL A 106 13.76 6.90 11.66
CA VAL A 106 14.95 6.31 11.02
C VAL A 106 15.50 7.28 9.99
N VAL A 107 14.62 7.93 9.25
CA VAL A 107 15.02 8.89 8.24
C VAL A 107 15.88 9.99 8.87
N LYS A 108 15.40 10.54 9.98
CA LYS A 108 16.11 11.60 10.68
C LYS A 108 17.49 11.13 11.17
N ASN A 109 17.52 9.94 11.77
CA ASN A 109 18.77 9.39 12.26
C ASN A 109 19.79 9.24 11.12
N LEU A 110 19.32 8.72 10.00
CA LEU A 110 20.16 8.57 8.82
C LEU A 110 20.71 9.93 8.39
N GLN A 111 19.85 10.95 8.39
CA GLN A 111 20.27 12.30 8.02
C GLN A 111 21.37 12.81 8.94
N GLU A 112 21.33 12.39 10.19
CA GLU A 112 22.35 12.81 11.16
C GLU A 112 23.62 12.00 11.02
N GLN A 113 23.48 10.68 10.97
CA GLN A 113 24.65 9.80 10.87
C GLN A 113 25.41 10.02 9.57
N PHE A 114 24.66 10.29 8.49
CA PHE A 114 25.27 10.52 7.18
C PHE A 114 24.73 11.81 6.57
N ALA A 115 25.12 12.94 7.14
CA ALA A 115 24.61 14.24 6.71
C ALA A 115 25.00 14.59 5.28
N LEU A 116 25.93 13.83 4.72
CA LEU A 116 26.33 14.04 3.33
C LEU A 116 25.17 13.70 2.40
N TYR A 117 24.26 12.85 2.88
CA TYR A 117 23.12 12.42 2.09
C TYR A 117 21.81 12.84 2.75
N ALA A 118 21.87 13.86 3.59
CA ALA A 118 20.69 14.33 4.33
C ALA A 118 19.50 14.56 3.41
N ASP A 119 19.75 15.20 2.27
CA ASP A 119 18.68 15.56 1.33
C ASP A 119 18.09 14.33 0.64
N ASN A 120 18.85 13.25 0.61
CA ASN A 120 18.46 12.06 -0.16
C ASN A 120 17.50 11.13 0.57
N PHE A 121 17.75 10.90 1.86
CA PHE A 121 17.00 9.92 2.61
C PHE A 121 15.49 10.11 2.51
N PRO A 122 15.02 11.36 2.59
CA PRO A 122 13.59 11.60 2.40
C PRO A 122 13.10 11.05 1.06
N VAL A 123 13.86 11.34 0.00
CA VAL A 123 13.50 10.89 -1.34
C VAL A 123 13.58 9.36 -1.46
N TRP A 124 14.67 8.79 -0.94
CA TRP A 124 14.84 7.34 -0.99
C TRP A 124 13.77 6.63 -0.17
N SER A 125 13.30 7.29 0.88
CA SER A 125 12.23 6.75 1.70
C SER A 125 10.94 6.70 0.90
N GLU A 126 10.64 7.79 0.21
CA GLU A 126 9.45 7.86 -0.63
C GLU A 126 9.50 6.76 -1.68
N GLN A 127 10.63 6.63 -2.34
CA GLN A 127 10.83 5.57 -3.34
C GLN A 127 10.64 4.20 -2.69
N GLY A 128 11.11 4.06 -1.47
CA GLY A 128 10.99 2.81 -0.73
C GLY A 128 9.55 2.39 -0.49
N SER A 129 8.68 3.38 -0.26
CA SER A 129 7.26 3.11 -0.06
C SER A 129 6.63 2.59 -1.34
N GLY A 130 6.96 3.21 -2.47
CA GLY A 130 6.49 2.74 -3.76
C GLY A 130 6.94 1.31 -3.99
N ILE A 131 8.19 1.04 -3.67
CA ILE A 131 8.79 -0.26 -3.87
C ILE A 131 8.06 -1.38 -3.12
N ILE A 132 7.88 -1.21 -1.81
CA ILE A 132 7.26 -2.26 -1.03
C ILE A 132 5.76 -2.36 -1.33
N SER A 133 5.14 -1.22 -1.64
CA SER A 133 3.73 -1.20 -1.98
C SER A 133 3.42 -2.08 -3.20
N VAL A 134 4.20 -1.92 -4.26
CA VAL A 134 3.95 -2.70 -5.48
C VAL A 134 4.41 -4.14 -5.34
N ASN A 135 5.44 -4.39 -4.55
CA ASN A 135 5.88 -5.77 -4.34
C ASN A 135 4.83 -6.58 -3.58
N VAL A 136 4.22 -5.98 -2.57
CA VAL A 136 3.11 -6.61 -1.86
C VAL A 136 1.95 -6.80 -2.84
N TRP A 137 1.60 -5.72 -3.53
CA TRP A 137 0.52 -5.73 -4.52
C TRP A 137 0.68 -6.91 -5.48
N THR A 138 1.88 -7.06 -6.05
CA THR A 138 2.14 -8.12 -7.02
C THR A 138 2.14 -9.49 -6.38
N ALA A 139 2.68 -9.61 -5.16
CA ALA A 139 2.69 -10.89 -4.46
C ALA A 139 1.25 -11.36 -4.22
N LEU A 140 0.38 -10.43 -3.84
CA LEU A 140 -1.03 -10.76 -3.61
C LEU A 140 -1.69 -11.23 -4.90
N ALA A 141 -1.32 -10.63 -6.02
CA ALA A 141 -1.89 -11.01 -7.31
C ALA A 141 -1.53 -12.45 -7.64
N GLU A 142 -0.30 -12.84 -7.31
CA GLU A 142 0.15 -14.20 -7.59
CA GLU A 142 0.18 -14.21 -7.55
C GLU A 142 -0.65 -15.23 -6.77
N LEU A 143 -1.21 -14.79 -5.65
CA LEU A 143 -2.07 -15.65 -4.83
C LEU A 143 -3.49 -15.69 -5.37
N GLY A 144 -3.74 -14.92 -6.44
CA GLY A 144 -5.07 -14.86 -7.04
C GLY A 144 -5.95 -13.78 -6.43
N LEU A 145 -5.36 -12.97 -5.56
CA LEU A 145 -6.10 -11.91 -4.89
C LEU A 145 -5.91 -10.56 -5.59
N GLY A 146 -6.96 -9.77 -5.62
CA GLY A 146 -6.93 -8.46 -6.23
C GLY A 146 -6.71 -7.38 -5.20
N ALA A 147 -6.35 -6.18 -5.67
CA ALA A 147 -6.12 -5.06 -4.78
C ALA A 147 -6.14 -3.73 -5.53
N ASN A 148 -6.39 -2.66 -4.79
CA ASN A 148 -6.26 -1.31 -5.32
C ASN A 148 -5.66 -0.40 -4.26
N LEU A 149 -4.95 0.63 -4.72
CA LEU A 149 -4.18 1.48 -3.82
C LEU A 149 -4.84 2.85 -3.65
N GLN A 150 -5.14 3.20 -2.41
CA GLN A 150 -5.83 4.45 -2.10
C GLN A 150 -4.94 5.39 -1.30
N HIS A 151 -5.31 6.67 -1.29
CA HIS A 151 -4.53 7.69 -0.59
C HIS A 151 -5.42 8.67 0.17
N TYR A 152 -5.88 8.25 1.34
CA TYR A 152 -6.67 9.12 2.20
C TYR A 152 -5.80 9.76 3.27
N ASN A 153 -4.48 9.57 3.13
CA ASN A 153 -3.52 10.36 3.88
C ASN A 153 -3.44 11.73 3.24
N PRO A 154 -3.21 12.78 4.04
CA PRO A 154 -2.97 12.76 5.49
C PRO A 154 -4.25 12.85 6.33
N LEU A 155 -5.40 12.89 5.67
CA LEU A 155 -6.67 13.10 6.37
C LEU A 155 -6.87 12.15 7.56
N ILE A 156 -6.63 10.86 7.36
CA ILE A 156 -6.95 9.85 8.37
C ILE A 156 -5.78 9.49 9.27
N ASP A 157 -4.62 10.10 9.03
CA ASP A 157 -3.41 9.81 9.79
C ASP A 157 -3.65 9.75 11.29
N GLU A 158 -4.07 10.88 11.85
CA GLU A 158 -4.24 11.01 13.30
C GLU A 158 -5.13 9.92 13.92
N ALA A 159 -6.29 9.68 13.31
CA ALA A 159 -7.26 8.74 13.87
C ALA A 159 -6.78 7.29 13.77
N VAL A 160 -6.01 7.00 12.73
CA VAL A 160 -5.46 5.66 12.54
C VAL A 160 -4.42 5.38 13.61
N ALA A 161 -3.54 6.36 13.84
CA ALA A 161 -2.51 6.23 14.86
C ALA A 161 -3.14 6.02 16.24
N LYS A 162 -4.21 6.75 16.50
CA LYS A 162 -4.88 6.69 17.79
C LYS A 162 -5.54 5.32 18.03
N GLU A 163 -6.33 4.88 17.05
CA GLU A 163 -7.07 3.63 17.18
C GLU A 163 -6.16 2.42 17.37
N TRP A 164 -5.03 2.41 16.69
CA TRP A 164 -4.12 1.26 16.74
C TRP A 164 -2.78 1.61 17.40
N ASN A 165 -2.79 2.67 18.19
CA ASN A 165 -1.62 3.07 18.97
C ASN A 165 -0.32 2.95 18.21
N LEU A 166 -0.24 3.64 17.08
CA LEU A 166 0.98 3.66 16.28
C LEU A 166 1.86 4.80 16.73
N PRO A 167 3.19 4.60 16.72
CA PRO A 167 4.08 5.72 17.08
C PRO A 167 3.89 6.89 16.13
N GLU A 168 4.08 8.10 16.63
CA GLU A 168 3.90 9.30 15.82
C GLU A 168 4.83 9.32 14.62
N SER A 169 5.93 8.58 14.70
CA SER A 169 6.95 8.61 13.66
C SER A 169 6.54 7.86 12.38
N TRP A 170 5.46 7.09 12.45
CA TRP A 170 4.97 6.39 11.27
C TRP A 170 4.15 7.33 10.39
N LYS A 171 4.74 7.72 9.26
CA LYS A 171 4.07 8.60 8.31
C LYS A 171 3.33 7.79 7.25
N LEU A 172 2.00 7.86 7.27
CA LEU A 172 1.17 7.09 6.36
C LEU A 172 1.38 7.54 4.90
N ARG A 173 1.58 6.57 4.02
CA ARG A 173 1.87 6.87 2.61
C ARG A 173 0.77 6.39 1.66
N GLY A 174 0.13 5.27 1.98
CA GLY A 174 -0.91 4.73 1.14
C GLY A 174 -1.65 3.56 1.80
N GLN A 175 -2.79 3.20 1.22
CA GLN A 175 -3.60 2.10 1.74
C GLN A 175 -4.02 1.14 0.63
N LEU A 176 -3.51 -0.07 0.69
CA LEU A 176 -3.79 -1.07 -0.32
C LEU A 176 -4.93 -1.99 0.11
N VAL A 177 -6.11 -1.76 -0.46
CA VAL A 177 -7.28 -2.59 -0.19
C VAL A 177 -7.16 -3.87 -0.99
N PHE A 178 -7.42 -5.01 -0.36
CA PHE A 178 -7.24 -6.29 -1.05
C PHE A 178 -8.32 -7.31 -0.68
N GLY A 179 -8.44 -8.35 -1.51
CA GLY A 179 -9.47 -9.35 -1.33
C GLY A 179 -9.65 -10.22 -2.57
N SER A 180 -10.75 -10.97 -2.61
CA SER A 180 -11.05 -11.83 -3.73
C SER A 180 -11.45 -11.01 -4.95
N ILE A 181 -11.04 -11.44 -6.14
CA ILE A 181 -11.41 -10.76 -7.37
C ILE A 181 -12.83 -11.12 -7.76
N GLU A 182 -13.69 -10.10 -7.85
CA GLU A 182 -15.10 -10.31 -8.17
C GLU A 182 -15.46 -9.74 -9.53
N ALA A 183 -14.57 -8.92 -10.11
CA ALA A 183 -14.73 -8.44 -11.47
C ALA A 183 -13.37 -8.06 -12.03
N PRO A 184 -13.15 -8.33 -13.33
CA PRO A 184 -11.83 -8.16 -13.93
C PRO A 184 -11.40 -6.69 -14.02
N ALA A 185 -10.09 -6.48 -14.18
CA ALA A 185 -9.55 -5.14 -14.36
C ALA A 185 -10.13 -4.53 -15.62
N GLY A 186 -10.21 -3.20 -15.67
CA GLY A 186 -10.64 -2.50 -16.86
C GLY A 186 -9.53 -2.49 -17.90
N GLU A 187 -9.78 -1.81 -19.02
CA GLU A 187 -8.81 -1.69 -20.08
C GLU A 187 -7.74 -0.69 -19.70
N LYS A 188 -6.52 -0.90 -20.19
CA LYS A 188 -5.42 0.02 -19.91
C LYS A 188 -4.57 0.24 -21.16
N THR A 189 -4.12 1.47 -21.35
CA THR A 189 -3.28 1.82 -22.48
C THR A 189 -1.81 1.97 -22.07
N PHE A 190 -0.93 2.01 -23.07
CA PHE A 190 0.50 2.20 -22.83
C PHE A 190 1.05 3.27 -23.75
N MET A 191 2.07 3.99 -23.29
CA MET A 191 2.77 4.97 -24.12
C MET A 191 3.44 4.30 -25.30
N ASP A 192 3.81 5.10 -26.29
CA ASP A 192 4.72 4.67 -27.35
C ASP A 192 6.10 4.45 -26.73
N ASP A 193 6.70 3.29 -26.98
CA ASP A 193 8.06 3.02 -26.50
C ASP A 193 9.03 4.13 -26.87
N ALA A 194 8.88 4.66 -28.08
CA ALA A 194 9.82 5.65 -28.60
C ALA A 194 9.87 6.90 -27.74
N ASP A 195 8.81 7.16 -26.99
CA ASP A 195 8.73 8.38 -26.19
C ASP A 195 9.26 8.23 -24.76
N ARG A 196 9.63 7.01 -24.35
CA ARG A 196 10.16 6.84 -22.99
C ARG A 196 11.38 5.91 -22.86
N PHE A 197 11.81 5.31 -23.97
CA PHE A 197 13.02 4.48 -23.94
C PHE A 197 14.00 4.94 -25.01
N ILE A 198 15.24 5.25 -24.59
CA ILE A 198 16.32 5.52 -25.53
C ILE A 198 17.47 4.56 -25.26
N VAL A 199 17.92 3.87 -26.31
CA VAL A 199 19.03 2.93 -26.19
C VAL A 199 20.23 3.44 -26.99
N ALA A 200 21.40 3.44 -26.36
CA ALA A 200 22.63 3.86 -27.04
C ALA A 200 23.74 2.85 -26.77
N LYS A 201 24.55 2.59 -27.79
CA LYS A 201 25.59 1.56 -27.70
C LYS A 201 26.95 2.11 -28.08
N NIO B . -5.97 9.39 -7.10
C1 NIO B . -5.37 8.71 -8.10
C2 NIO B . -6.13 7.86 -8.91
C3 NIO B . -7.50 7.72 -8.68
C4 NIO B . -8.09 8.44 -7.65
C5 NIO B . -7.29 9.26 -6.87
C6 NIO B . -5.48 7.11 -10.02
O1 NIO B . -6.07 6.96 -11.12
O2 NIO B . -4.33 6.62 -9.85
H1 NIO B . -4.31 8.81 -8.27
H3 NIO B . -8.09 7.07 -9.31
H4 NIO B . -9.14 8.35 -7.46
H5 NIO B . -7.74 9.83 -6.06
N1 FMN C . -5.67 4.14 -7.85
C2 FMN C . -6.85 4.66 -7.04
O2 FMN C . -7.91 4.17 -7.19
N3 FMN C . -6.64 5.73 -6.10
C4 FMN C . -5.39 6.28 -5.92
O4 FMN C . -5.22 7.13 -5.11
C4A FMN C . -4.26 5.78 -6.72
N5 FMN C . -3.11 6.29 -6.58
C5A FMN C . -1.91 5.55 -7.14
C6 FMN C . -0.51 5.95 -6.68
C7 FMN C . 0.55 5.32 -7.16
C7M FMN C . 1.95 5.73 -6.70
C8 FMN C . 0.36 4.17 -8.17
C8M FMN C . 1.59 3.44 -8.70
C9 FMN C . -0.85 3.82 -8.56
C9A FMN C . -2.07 4.55 -8.02
N10 FMN C . -3.41 4.18 -8.45
C10 FMN C . -4.48 4.67 -7.71
C1' FMN C . -3.61 3.09 -9.40
C2' FMN C . -3.12 3.49 -10.81
O2' FMN C . -4.06 4.36 -11.41
C3' FMN C . -2.99 2.24 -11.67
O3' FMN C . -1.99 1.40 -11.15
C4' FMN C . -2.64 2.62 -13.11
O4' FMN C . -3.75 3.24 -13.70
C5' FMN C . -2.31 1.36 -13.91
O5' FMN C . -3.38 0.48 -13.82
P FMN C . -3.13 -1.01 -13.17
O1P FMN C . -1.98 -1.65 -13.80
O2P FMN C . -2.85 -0.84 -11.56
O3P FMN C . -4.46 -1.95 -13.42
HN3 FMN C . -7.41 6.06 -5.56
H6 FMN C . -0.38 6.75 -5.97
HM71 FMN C . 2.25 5.13 -5.86
HM72 FMN C . 1.94 6.77 -6.42
HM73 FMN C . 2.65 5.58 -7.52
HM81 FMN C . 2.03 2.84 -7.92
HM82 FMN C . 2.32 4.16 -9.06
HM83 FMN C . 1.29 2.79 -9.52
H9 FMN C . -0.97 3.02 -9.28
H1'1 FMN C . -4.67 2.85 -9.45
H1'2 FMN C . -3.05 2.22 -9.07
H2' FMN C . -2.16 3.98 -10.74
HO2' FMN C . -4.93 4.00 -11.31
H3' FMN C . -3.93 1.70 -11.66
HO3' FMN C . -2.38 0.77 -10.56
H4' FMN C . -1.80 3.29 -13.11
HO4' FMN C . -4.43 2.59 -13.85
H5'1 FMN C . -1.41 0.90 -13.50
H5'2 FMN C . -2.13 1.63 -14.95
#